data_9M3N
#
_entry.id   9M3N
#
_cell.length_a   100.040
_cell.length_b   100.040
_cell.length_c   50.700
_cell.angle_alpha   90.000
_cell.angle_beta   90.000
_cell.angle_gamma   90.000
#
_symmetry.space_group_name_H-M   'P 41 21 2'
#
loop_
_entity.id
_entity.type
_entity.pdbx_description
1 polymer 'E3 ubiquitin-protein ligase TRIM21'
2 non-polymer 1-ethyl-~{N}-methyl-5-phenyl-~{N}-[3-[3-(trifluoromethyl)phenyl]cyclobutyl]pyrazole-4-carboxamide
3 water water
#
_entity_poly.entity_id   1
_entity_poly.type   'polypeptide(L)'
_entity_poly.pdbx_seq_one_letter_code
;CAVHITLDPDTANPWLILSEDRRQVRLGDTQQSIPGNEERFDSYPMVLGAQHFHSGKHYWEVDVTGKEAWDLGVCRDSVR
RKGHFLLSSKSGFWTIWLWNKQKYEAGTYPQTPLHLQVPPCQVGIFLDYEAGMVSFYNITDHGSLIYSFSECAFTGPLRP
FFSPGFNDGGKNTAPLTLCP
;
_entity_poly.pdbx_strand_id   A
#
loop_
_chem_comp.id
_chem_comp.type
_chem_comp.name
_chem_comp.formula
A1EMT non-polymer 1-ethyl-~{N}-methyl-5-phenyl-~{N}-[3-[3-(trifluoromethyl)phenyl]cyclobutyl]pyrazole-4-carboxamide 'C24 H24 F3 N3 O'
#
# COMPACT_ATOMS: atom_id res chain seq x y z
N CYS A 1 18.52 2.08 -5.51
CA CYS A 1 17.41 1.23 -6.01
C CYS A 1 16.07 2.03 -5.95
N ALA A 2 16.14 3.34 -5.70
CA ALA A 2 14.98 4.25 -5.52
C ALA A 2 14.25 4.29 -6.87
N VAL A 3 12.97 3.90 -6.91
CA VAL A 3 12.17 3.76 -8.17
C VAL A 3 11.04 4.81 -8.20
N HIS A 4 10.77 5.38 -9.38
CA HIS A 4 9.69 6.33 -9.67
C HIS A 4 8.37 5.54 -9.84
N ILE A 5 7.56 5.50 -8.79
CA ILE A 5 6.26 4.76 -8.82
C ILE A 5 5.21 5.67 -9.41
N THR A 6 4.32 5.08 -10.21
CA THR A 6 3.12 5.76 -10.72
C THR A 6 1.94 4.82 -10.49
N LEU A 7 0.76 5.38 -10.22
CA LEU A 7 -0.45 4.59 -9.90
C LEU A 7 -1.13 4.19 -11.19
N ASP A 8 -1.57 2.93 -11.27
CA ASP A 8 -2.28 2.34 -12.43
C ASP A 8 -3.78 2.63 -12.25
N PRO A 9 -4.39 3.55 -13.03
CA PRO A 9 -5.82 3.85 -12.89
C PRO A 9 -6.71 2.65 -13.25
N ASP A 10 -6.20 1.66 -13.98
CA ASP A 10 -7.03 0.48 -14.34
C ASP A 10 -7.29 -0.40 -13.11
N THR A 11 -6.45 -0.30 -12.07
CA THR A 11 -6.57 -1.10 -10.82
C THR A 11 -7.38 -0.33 -9.76
N ALA A 12 -7.56 0.98 -9.91
CA ALA A 12 -8.04 1.87 -8.84
C ALA A 12 -9.54 1.66 -8.62
N ASN A 13 -9.92 1.30 -7.39
CA ASN A 13 -11.33 1.24 -6.92
C ASN A 13 -12.01 2.59 -7.18
N PRO A 14 -13.28 2.59 -7.63
CA PRO A 14 -14.01 3.84 -7.89
C PRO A 14 -14.08 4.86 -6.76
N TRP A 15 -13.82 4.48 -5.51
CA TRP A 15 -13.85 5.44 -4.36
C TRP A 15 -12.62 6.34 -4.37
N LEU A 16 -11.64 6.05 -5.23
CA LEU A 16 -10.30 6.66 -5.19
C LEU A 16 -10.25 7.81 -6.18
N ILE A 17 -9.51 8.85 -5.84
CA ILE A 17 -9.21 9.97 -6.75
C ILE A 17 -7.69 10.01 -6.87
N LEU A 18 -7.19 9.84 -8.10
CA LEU A 18 -5.78 9.92 -8.51
C LEU A 18 -5.54 11.34 -9.01
N SER A 19 -4.43 11.95 -8.61
CA SER A 19 -3.93 13.22 -9.21
C SER A 19 -3.72 12.97 -10.70
N GLU A 20 -3.53 14.04 -11.47
CA GLU A 20 -3.24 13.94 -12.93
C GLU A 20 -1.89 13.25 -13.15
N ASP A 21 -0.89 13.53 -12.33
CA ASP A 21 0.47 12.94 -12.47
C ASP A 21 0.53 11.51 -11.91
N ARG A 22 -0.57 10.98 -11.34
CA ARG A 22 -0.68 9.60 -10.77
C ARG A 22 0.40 9.38 -9.71
N ARG A 23 0.80 10.44 -9.00
CA ARG A 23 1.75 10.37 -7.87
C ARG A 23 0.98 10.51 -6.56
N GLN A 24 -0.34 10.74 -6.64
CA GLN A 24 -1.19 10.91 -5.44
C GLN A 24 -2.48 10.11 -5.53
N VAL A 25 -3.04 9.72 -4.38
CA VAL A 25 -4.38 9.11 -4.33
C VAL A 25 -5.05 9.49 -3.01
N ARG A 26 -6.36 9.71 -3.02
CA ARG A 26 -7.13 10.03 -1.81
C ARG A 26 -8.50 9.35 -1.94
N LEU A 27 -9.20 9.17 -0.82
CA LEU A 27 -10.63 8.77 -0.83
C LEU A 27 -11.48 9.96 -1.32
N GLY A 28 -12.44 9.70 -2.21
CA GLY A 28 -13.49 10.66 -2.61
C GLY A 28 -14.73 10.55 -1.72
N ASP A 29 -15.58 11.58 -1.76
CA ASP A 29 -16.87 11.66 -1.02
C ASP A 29 -17.81 10.58 -1.56
N THR A 30 -17.75 10.30 -2.86
CA THR A 30 -18.68 9.38 -3.56
C THR A 30 -17.87 8.49 -4.48
N GLN A 31 -18.48 7.42 -4.95
CA GLN A 31 -17.92 6.59 -6.05
C GLN A 31 -17.93 7.34 -7.37
N GLN A 32 -16.78 7.40 -8.04
CA GLN A 32 -16.70 7.70 -9.49
C GLN A 32 -17.38 6.58 -10.28
N SER A 33 -17.97 6.93 -11.43
CA SER A 33 -18.54 6.02 -12.43
C SER A 33 -17.47 5.78 -13.51
N ILE A 34 -16.93 4.57 -13.60
CA ILE A 34 -15.70 4.28 -14.40
C ILE A 34 -15.80 2.87 -14.95
N PRO A 35 -15.14 2.56 -16.09
CA PRO A 35 -15.37 1.29 -16.80
C PRO A 35 -15.01 0.06 -15.95
N GLY A 36 -15.87 -0.95 -15.98
CA GLY A 36 -15.70 -2.20 -15.21
C GLY A 36 -14.70 -3.10 -15.91
N ASN A 37 -13.45 -3.12 -15.45
CA ASN A 37 -12.41 -3.95 -16.08
C ASN A 37 -11.73 -4.81 -15.02
N GLU A 38 -11.25 -5.98 -15.47
CA GLU A 38 -10.90 -7.14 -14.62
C GLU A 38 -9.74 -6.81 -13.67
N GLU A 39 -8.94 -5.77 -13.95
CA GLU A 39 -7.79 -5.40 -13.10
C GLU A 39 -8.27 -4.57 -11.90
N ARG A 40 -9.47 -4.02 -11.96
CA ARG A 40 -9.94 -3.05 -10.94
C ARG A 40 -10.34 -3.79 -9.64
N PHE A 41 -9.82 -3.34 -8.52
CA PHE A 41 -10.27 -3.75 -7.16
C PHE A 41 -11.66 -3.16 -6.89
N ASP A 42 -12.67 -4.02 -6.75
CA ASP A 42 -14.08 -3.56 -6.72
C ASP A 42 -14.61 -3.43 -5.28
N SER A 43 -13.98 -3.98 -4.23
CA SER A 43 -14.66 -4.10 -2.91
C SER A 43 -14.06 -3.18 -1.85
N TYR A 44 -12.85 -2.64 -2.08
CA TYR A 44 -12.11 -1.80 -1.10
C TYR A 44 -11.36 -0.73 -1.85
N PRO A 45 -11.08 0.43 -1.24
CA PRO A 45 -10.35 1.50 -1.91
C PRO A 45 -8.84 1.24 -2.00
N MET A 46 -8.48 0.41 -2.98
CA MET A 46 -7.11 -0.07 -3.24
C MET A 46 -6.68 0.29 -4.65
N VAL A 47 -5.37 0.50 -4.83
CA VAL A 47 -4.78 0.75 -6.17
C VAL A 47 -3.35 0.23 -6.17
N LEU A 48 -2.89 -0.21 -7.33
CA LEU A 48 -1.51 -0.70 -7.54
C LEU A 48 -0.68 0.37 -8.26
N GLY A 49 0.63 0.33 -7.99
CA GLY A 49 1.67 0.90 -8.87
C GLY A 49 1.61 0.23 -10.22
N ALA A 50 1.82 1.01 -11.28
CA ALA A 50 2.02 0.55 -12.68
C ALA A 50 3.24 -0.38 -12.75
N GLN A 51 4.28 -0.12 -11.95
CA GLN A 51 5.56 -0.86 -12.04
C GLN A 51 5.33 -2.33 -11.66
N HIS A 52 6.04 -3.23 -12.34
CA HIS A 52 6.13 -4.68 -12.08
C HIS A 52 7.53 -5.03 -11.59
N PHE A 53 7.67 -5.86 -10.57
CA PHE A 53 9.00 -6.32 -10.08
C PHE A 53 9.10 -7.83 -10.29
N HIS A 54 10.06 -8.28 -11.11
CA HIS A 54 10.35 -9.72 -11.38
C HIS A 54 11.58 -10.19 -10.61
N SER A 55 12.40 -9.24 -10.14
CA SER A 55 13.71 -9.49 -9.52
C SER A 55 14.27 -8.17 -8.97
N GLY A 56 15.35 -8.25 -8.19
CA GLY A 56 16.19 -7.11 -7.83
C GLY A 56 15.64 -6.38 -6.62
N LYS A 57 16.21 -5.21 -6.38
CA LYS A 57 15.97 -4.41 -5.16
C LYS A 57 15.27 -3.13 -5.58
N HIS A 58 14.27 -2.71 -4.81
CA HIS A 58 13.36 -1.60 -5.18
C HIS A 58 12.94 -0.86 -3.91
N TYR A 59 13.05 0.46 -3.94
CA TYR A 59 12.75 1.31 -2.77
C TYR A 59 11.90 2.53 -3.20
N TRP A 60 10.89 2.87 -2.40
CA TRP A 60 10.04 4.09 -2.57
C TRP A 60 9.52 4.57 -1.21
N GLU A 61 9.16 5.84 -1.14
CA GLU A 61 8.67 6.49 0.09
C GLU A 61 7.31 7.12 -0.17
N VAL A 62 6.48 7.15 0.87
CA VAL A 62 5.09 7.67 0.78
C VAL A 62 4.84 8.60 1.96
N ASP A 63 4.24 9.76 1.68
CA ASP A 63 3.76 10.70 2.73
C ASP A 63 2.36 10.25 3.16
N VAL A 64 2.18 10.08 4.46
CA VAL A 64 0.90 9.67 5.11
C VAL A 64 0.46 10.76 6.11
N THR A 65 0.99 11.98 6.02
CA THR A 65 0.72 13.06 7.01
C THR A 65 -0.79 13.28 7.14
N GLY A 66 -1.28 13.39 8.36
CA GLY A 66 -2.65 13.80 8.67
C GLY A 66 -3.66 12.68 8.45
N LYS A 67 -3.24 11.42 8.31
CA LYS A 67 -4.20 10.33 7.95
C LYS A 67 -4.45 9.46 9.15
N GLU A 68 -5.71 9.14 9.38
CA GLU A 68 -6.15 8.24 10.46
C GLU A 68 -6.03 6.77 10.01
N ALA A 69 -6.00 6.50 8.70
CA ALA A 69 -5.92 5.11 8.20
C ALA A 69 -5.26 5.04 6.84
N TRP A 70 -4.56 3.95 6.60
CA TRP A 70 -3.91 3.62 5.31
C TRP A 70 -3.35 2.21 5.37
N ASP A 71 -3.02 1.69 4.20
CA ASP A 71 -2.28 0.42 4.01
C ASP A 71 -1.28 0.62 2.87
N LEU A 72 -0.04 0.21 3.09
CA LEU A 72 1.09 0.30 2.13
C LEU A 72 1.85 -1.03 2.08
N GLY A 73 2.29 -1.42 0.89
CA GLY A 73 3.36 -2.40 0.70
C GLY A 73 3.42 -2.90 -0.72
N VAL A 74 3.33 -4.22 -0.86
CA VAL A 74 3.59 -4.98 -2.11
C VAL A 74 2.61 -6.15 -2.16
N CYS A 75 2.15 -6.52 -3.34
CA CYS A 75 1.34 -7.75 -3.54
C CYS A 75 1.81 -8.48 -4.80
N ARG A 76 1.47 -9.76 -4.90
CA ARG A 76 1.59 -10.51 -6.17
C ARG A 76 0.68 -9.83 -7.17
N ASP A 77 1.11 -9.76 -8.41
CA ASP A 77 0.23 -9.32 -9.52
C ASP A 77 -0.94 -10.30 -9.59
N SER A 78 -0.73 -11.58 -9.29
CA SER A 78 -1.81 -12.61 -9.43
C SER A 78 -2.95 -12.43 -8.40
N VAL A 79 -2.92 -11.48 -7.46
CA VAL A 79 -4.00 -11.47 -6.42
C VAL A 79 -5.34 -11.20 -7.10
N ARG A 80 -6.38 -11.90 -6.65
CA ARG A 80 -7.77 -11.68 -7.05
C ARG A 80 -8.14 -10.21 -6.84
N ARG A 81 -8.90 -9.63 -7.77
CA ARG A 81 -9.24 -8.19 -7.82
C ARG A 81 -10.70 -7.99 -7.42
N LYS A 82 -11.54 -8.97 -7.70
CA LYS A 82 -13.02 -8.93 -7.48
C LYS A 82 -13.39 -9.63 -6.18
N GLY A 83 -14.23 -8.95 -5.39
CA GLY A 83 -14.87 -9.49 -4.18
C GLY A 83 -14.02 -9.25 -2.95
N HIS A 84 -14.36 -9.94 -1.87
CA HIS A 84 -13.79 -9.75 -0.52
C HIS A 84 -12.63 -10.73 -0.33
N PHE A 85 -11.62 -10.28 0.41
CA PHE A 85 -10.45 -11.08 0.82
C PHE A 85 -9.84 -10.43 2.06
N LEU A 86 -8.92 -11.17 2.71
CA LEU A 86 -8.12 -10.67 3.85
C LEU A 86 -6.76 -10.19 3.33
N LEU A 87 -6.39 -8.94 3.65
CA LEU A 87 -5.00 -8.44 3.52
C LEU A 87 -4.11 -9.26 4.46
N SER A 88 -3.42 -10.27 3.94
CA SER A 88 -2.42 -11.06 4.70
C SER A 88 -1.33 -11.54 3.74
N SER A 89 -0.12 -11.68 4.28
CA SER A 89 1.05 -12.37 3.69
C SER A 89 0.62 -13.73 3.14
N LYS A 90 -0.35 -14.38 3.77
CA LYS A 90 -0.76 -15.76 3.36
C LYS A 90 -1.61 -15.64 2.09
N SER A 91 -2.07 -14.43 1.74
CA SER A 91 -2.96 -14.16 0.59
C SER A 91 -2.24 -13.39 -0.53
N GLY A 92 -0.94 -13.17 -0.42
CA GLY A 92 -0.18 -12.46 -1.45
C GLY A 92 -0.09 -10.94 -1.25
N PHE A 93 -0.27 -10.45 -0.02
CA PHE A 93 -0.09 -9.01 0.33
C PHE A 93 0.90 -8.90 1.48
N TRP A 94 1.97 -8.15 1.24
CA TRP A 94 2.98 -7.90 2.28
C TRP A 94 2.88 -6.42 2.62
N THR A 95 2.06 -6.09 3.63
CA THR A 95 1.68 -4.68 3.94
C THR A 95 1.72 -4.42 5.44
N ILE A 96 1.94 -3.16 5.78
CA ILE A 96 1.63 -2.60 7.12
C ILE A 96 0.47 -1.61 6.94
N TRP A 97 -0.30 -1.41 8.02
CA TRP A 97 -1.44 -0.48 8.01
C TRP A 97 -1.55 0.32 9.31
N LEU A 98 -2.22 1.46 9.18
CA LEU A 98 -2.75 2.27 10.29
C LEU A 98 -4.27 2.20 10.20
N TRP A 99 -4.95 2.13 11.34
CA TRP A 99 -6.38 2.53 11.42
C TRP A 99 -6.72 3.00 12.83
N ASN A 100 -7.94 3.51 13.01
CA ASN A 100 -8.41 4.06 14.31
C ASN A 100 -7.35 5.01 14.85
N LYS A 101 -6.73 5.80 13.97
CA LYS A 101 -5.81 6.92 14.27
C LYS A 101 -4.45 6.41 14.79
N GLN A 102 -4.39 5.37 15.62
CA GLN A 102 -3.15 5.01 16.36
C GLN A 102 -2.89 3.49 16.35
N LYS A 103 -3.72 2.67 15.72
CA LYS A 103 -3.52 1.19 15.66
C LYS A 103 -2.66 0.86 14.44
N TYR A 104 -1.35 0.73 14.63
CA TYR A 104 -0.41 0.29 13.57
C TYR A 104 -0.27 -1.22 13.67
N GLU A 105 -0.37 -1.91 12.54
CA GLU A 105 -0.21 -3.38 12.49
C GLU A 105 0.43 -3.80 11.14
N ALA A 106 1.19 -4.88 11.20
CA ALA A 106 1.72 -5.65 10.06
C ALA A 106 0.69 -6.69 9.65
N GLY A 107 0.44 -6.81 8.36
CA GLY A 107 -0.60 -7.69 7.80
C GLY A 107 -0.11 -9.11 7.68
N THR A 108 0.50 -9.63 8.74
CA THR A 108 0.67 -11.10 8.92
C THR A 108 -0.70 -11.72 9.17
N TYR A 109 -0.76 -13.03 9.23
CA TYR A 109 -1.98 -13.75 9.64
C TYR A 109 -1.60 -14.72 10.74
N PRO A 110 -2.10 -14.53 11.97
CA PRO A 110 -2.93 -13.37 12.30
C PRO A 110 -2.04 -12.11 12.36
N GLN A 111 -2.64 -10.93 12.45
CA GLN A 111 -1.93 -9.63 12.35
C GLN A 111 -0.98 -9.46 13.55
N THR A 112 0.04 -8.64 13.36
CA THR A 112 1.09 -8.35 14.36
C THR A 112 0.96 -6.88 14.74
N PRO A 113 0.59 -6.57 16.00
CA PRO A 113 0.58 -5.19 16.47
C PRO A 113 2.01 -4.61 16.39
N LEU A 114 2.13 -3.32 16.06
CA LEU A 114 3.40 -2.57 15.99
C LEU A 114 3.33 -1.41 16.98
N HIS A 115 4.41 -1.22 17.73
CA HIS A 115 4.48 -0.19 18.79
C HIS A 115 5.41 0.86 18.23
N LEU A 116 4.87 1.97 17.78
CA LEU A 116 5.67 3.03 17.12
C LEU A 116 5.78 4.21 18.07
N GLN A 117 6.98 4.56 18.50
CA GLN A 117 7.20 5.63 19.49
C GLN A 117 7.04 6.95 18.79
N VAL A 118 7.51 7.04 17.54
CA VAL A 118 7.34 8.21 16.64
C VAL A 118 6.38 7.79 15.53
N PRO A 119 5.13 8.33 15.51
CA PRO A 119 4.20 8.10 14.40
C PRO A 119 4.82 8.55 13.07
N PRO A 120 4.89 7.65 12.07
CA PRO A 120 5.46 8.01 10.78
C PRO A 120 4.54 8.97 10.00
N CYS A 121 5.15 10.06 9.50
CA CYS A 121 4.58 10.99 8.50
C CYS A 121 5.01 10.57 7.08
N GLN A 122 6.18 9.94 6.94
CA GLN A 122 6.64 9.29 5.68
C GLN A 122 7.13 7.88 5.99
N VAL A 123 6.83 6.96 5.08
CA VAL A 123 7.14 5.50 5.20
C VAL A 123 7.97 5.08 3.97
N GLY A 124 9.10 4.42 4.19
CA GLY A 124 9.90 3.81 3.12
C GLY A 124 9.54 2.34 2.97
N ILE A 125 9.36 1.86 1.75
CA ILE A 125 9.08 0.42 1.46
C ILE A 125 10.27 -0.09 0.64
N PHE A 126 10.94 -1.13 1.15
CA PHE A 126 12.09 -1.77 0.47
C PHE A 126 11.71 -3.21 0.16
N LEU A 127 11.77 -3.56 -1.13
CA LEU A 127 11.56 -4.91 -1.67
C LEU A 127 12.93 -5.45 -2.09
N ASP A 128 13.28 -6.64 -1.60
CA ASP A 128 14.42 -7.41 -2.14
C ASP A 128 13.85 -8.76 -2.59
N TYR A 129 13.68 -8.92 -3.90
CA TYR A 129 12.98 -10.07 -4.53
C TYR A 129 13.68 -11.39 -4.17
N GLU A 130 14.97 -11.50 -4.49
CA GLU A 130 15.81 -12.71 -4.32
C GLU A 130 15.87 -13.03 -2.82
N ALA A 131 16.04 -12.04 -1.93
CA ALA A 131 16.01 -12.30 -0.47
C ALA A 131 14.61 -12.72 -0.01
N GLY A 132 13.53 -12.48 -0.75
CA GLY A 132 12.18 -12.70 -0.17
C GLY A 132 11.90 -11.77 1.01
N MET A 133 12.36 -10.51 0.92
CA MET A 133 12.23 -9.48 1.99
C MET A 133 11.37 -8.30 1.51
N VAL A 134 10.36 -7.92 2.31
CA VAL A 134 9.64 -6.61 2.25
C VAL A 134 9.79 -5.92 3.61
N SER A 135 10.47 -4.79 3.61
CA SER A 135 10.83 -4.04 4.84
C SER A 135 10.20 -2.64 4.78
N PHE A 136 9.84 -2.11 5.95
CA PHE A 136 9.13 -0.82 6.10
C PHE A 136 9.93 0.02 7.09
N TYR A 137 10.15 1.27 6.73
CA TYR A 137 11.07 2.19 7.42
C TYR A 137 10.32 3.47 7.82
N ASN A 138 10.60 3.93 9.03
CA ASN A 138 10.02 5.14 9.62
C ASN A 138 10.95 6.30 9.32
N ILE A 139 10.69 6.98 8.22
CA ILE A 139 11.55 8.09 7.73
C ILE A 139 11.53 9.21 8.76
N THR A 140 10.42 9.40 9.47
CA THR A 140 10.29 10.49 10.47
C THR A 140 11.28 10.18 11.60
N ASP A 141 11.36 8.92 12.03
CA ASP A 141 12.28 8.41 13.07
C ASP A 141 13.64 7.97 12.49
N HIS A 142 14.22 8.75 11.56
CA HIS A 142 15.57 8.59 10.94
C HIS A 142 15.79 7.23 10.28
N GLY A 143 14.73 6.56 9.81
CA GLY A 143 14.86 5.31 9.04
C GLY A 143 14.79 4.05 9.90
N SER A 144 14.25 4.14 11.12
CA SER A 144 14.12 2.97 12.03
C SER A 144 13.24 1.92 11.35
N LEU A 145 13.47 0.67 11.67
CA LEU A 145 12.70 -0.41 11.02
C LEU A 145 11.32 -0.45 11.67
N ILE A 146 10.24 -0.39 10.90
CA ILE A 146 8.87 -0.60 11.42
C ILE A 146 8.59 -2.11 11.47
N TYR A 147 8.83 -2.81 10.37
CA TYR A 147 8.59 -4.25 10.26
C TYR A 147 9.26 -4.77 8.99
N SER A 148 9.61 -6.05 9.01
CA SER A 148 10.21 -6.76 7.87
C SER A 148 9.49 -8.11 7.72
N PHE A 149 8.98 -8.39 6.54
CA PHE A 149 8.59 -9.76 6.14
C PHE A 149 9.82 -10.42 5.50
N SER A 150 10.11 -11.66 5.93
CA SER A 150 11.34 -12.45 5.62
C SER A 150 10.95 -13.76 4.96
N GLU A 151 11.85 -14.34 4.17
CA GLU A 151 11.60 -15.59 3.39
C GLU A 151 10.13 -15.61 2.96
N CYS A 152 9.73 -14.66 2.13
CA CYS A 152 8.41 -14.67 1.47
C CYS A 152 8.46 -15.61 0.27
N ALA A 153 9.65 -15.82 -0.32
CA ALA A 153 9.91 -16.73 -1.47
C ALA A 153 8.85 -16.51 -2.57
N PHE A 154 9.00 -15.42 -3.32
CA PHE A 154 8.10 -14.95 -4.40
C PHE A 154 8.30 -15.78 -5.67
N THR A 155 7.23 -16.02 -6.45
CA THR A 155 7.31 -16.71 -7.77
C THR A 155 7.22 -15.66 -8.88
N GLY A 156 6.05 -15.03 -9.08
CA GLY A 156 5.74 -14.21 -10.26
C GLY A 156 6.09 -12.73 -10.04
N PRO A 157 5.59 -11.83 -10.91
CA PRO A 157 5.76 -10.39 -10.69
C PRO A 157 4.94 -9.84 -9.50
N LEU A 158 5.53 -8.84 -8.84
CA LEU A 158 4.98 -8.12 -7.67
C LEU A 158 4.65 -6.70 -8.12
N ARG A 159 3.76 -6.06 -7.38
CA ARG A 159 3.32 -4.67 -7.64
C ARG A 159 3.33 -3.90 -6.33
N PRO A 160 3.63 -2.59 -6.37
CA PRO A 160 3.39 -1.69 -5.25
C PRO A 160 1.89 -1.67 -4.94
N PHE A 161 1.55 -1.66 -3.65
CA PHE A 161 0.15 -1.72 -3.17
C PHE A 161 -0.11 -0.50 -2.28
N PHE A 162 -1.25 0.13 -2.49
CA PHE A 162 -1.70 1.31 -1.72
C PHE A 162 -3.21 1.27 -1.43
N SER A 163 -3.57 1.76 -0.25
CA SER A 163 -4.95 2.18 0.07
C SER A 163 -4.85 3.39 1.00
N PRO A 164 -5.52 4.51 0.65
CA PRO A 164 -5.50 5.72 1.47
C PRO A 164 -6.56 5.67 2.56
N GLY A 165 -7.22 4.52 2.68
CA GLY A 165 -8.15 4.19 3.78
C GLY A 165 -9.36 3.44 3.22
N PHE A 166 -10.34 3.19 4.08
CA PHE A 166 -11.66 2.62 3.70
C PHE A 166 -12.71 3.70 3.92
N ASN A 167 -13.82 3.59 3.19
CA ASN A 167 -14.93 4.58 3.26
C ASN A 167 -15.79 4.21 4.47
N ASP A 168 -15.92 5.16 5.37
CA ASP A 168 -16.69 5.00 6.63
C ASP A 168 -17.40 6.34 6.91
N GLY A 169 -17.67 7.11 5.85
CA GLY A 169 -18.14 8.51 5.89
C GLY A 169 -17.33 9.35 6.86
N GLY A 170 -16.12 8.92 7.27
CA GLY A 170 -15.24 9.65 8.21
C GLY A 170 -14.45 10.72 7.49
N LYS A 171 -13.41 11.28 8.12
CA LYS A 171 -12.70 12.52 7.66
C LYS A 171 -11.36 12.19 6.95
N ASN A 172 -11.17 10.95 6.51
CA ASN A 172 -9.84 10.42 6.11
C ASN A 172 -9.65 10.65 4.62
N THR A 173 -9.61 11.93 4.21
CA THR A 173 -9.58 12.38 2.80
C THR A 173 -8.21 12.96 2.42
N ALA A 174 -7.27 13.19 3.34
CA ALA A 174 -5.91 13.63 2.92
C ALA A 174 -5.32 12.55 2.00
N PRO A 175 -4.48 12.92 1.00
CA PRO A 175 -3.91 11.93 0.08
C PRO A 175 -2.70 11.19 0.66
N LEU A 176 -2.43 9.99 0.11
CA LEU A 176 -1.08 9.38 0.07
C LEU A 176 -0.30 10.10 -1.03
N THR A 177 0.94 10.49 -0.76
CA THR A 177 1.80 11.16 -1.78
C THR A 177 3.12 10.37 -1.94
N LEU A 178 3.46 10.04 -3.18
CA LEU A 178 4.75 9.38 -3.47
C LEU A 178 5.82 10.47 -3.47
N CYS A 179 6.87 10.30 -2.68
CA CYS A 179 7.93 11.30 -2.46
C CYS A 179 8.84 11.29 -3.68
N PRO A 180 9.28 12.47 -4.17
CA PRO A 180 10.28 12.53 -5.24
C PRO A 180 11.70 12.14 -4.79
N1 A1EMT B . -8.36 -4.48 9.18
N3 A1EMT B . -8.13 -7.38 5.57
C4 A1EMT B . -6.88 -1.85 7.61
C5 A1EMT B . -6.99 -0.94 6.42
C6 A1EMT B . -7.62 -1.40 5.28
C7 A1EMT B . -7.71 -0.61 4.15
C8 A1EMT B . -8.41 -1.14 2.93
C10 A1EMT B . -6.57 1.14 5.33
C13 A1EMT B . -8.25 -5.78 8.87
C15 A1EMT B . -9.43 -5.85 6.57
C17 A1EMT B . -10.74 -3.86 5.80
C20 A1EMT B . -12.45 -4.07 7.94
C21 A1EMT B . -11.42 -4.98 7.81
C22 A1EMT B . -9.96 -6.55 4.19
C24 A1EMT B . -7.66 -7.20 6.79
C1 A1EMT B . -8.37 -4.24 10.63
C2 A1EMT B . -7.44 -3.47 8.76
C3 A1EMT B . -8.12 -2.12 8.46
F1 A1EMT B . -7.57 -1.37 1.93
F2 A1EMT B . -9.04 -2.29 3.14
F3 A1EMT B . -9.34 -0.31 2.45
C9 A1EMT B . -7.19 0.67 4.18
C11 A1EMT B . -6.46 0.33 6.45
C12 A1EMT B . -6.79 -3.38 7.38
C14 A1EMT B . -8.41 -6.22 7.47
C16 A1EMT B . -10.54 -4.89 6.73
C18 A1EMT B . -11.77 -2.95 5.96
C19 A1EMT B . -12.64 -3.07 7.02
N2 A1EMT B . -9.19 -6.56 5.44
C23 A1EMT B . -9.16 -6.11 3.02
O1 A1EMT B . -8.22 -6.59 9.76
H7 A1EMT B . -6.15 -1.55 8.19
H8 A1EMT B . -7.97 -2.27 5.26
H10 A1EMT B . -6.21 2.02 5.34
H14 A1EMT B . -10.14 -3.78 5.07
H17 A1EMT B . -13.04 -4.15 8.68
H18 A1EMT B . -11.31 -5.66 8.44
H19 A1EMT B . -10.73 -5.98 4.29
H20 A1EMT B . -10.28 -7.46 4.02
H24 A1EMT B . -6.91 -7.64 7.14
H1 A1EMT B . -8.49 -3.29 10.80
H2 A1EMT B . -7.54 -4.53 11.02
H3 A1EMT B . -9.11 -4.71 11.03
H4 A1EMT B . -6.75 -3.34 9.44
H6 A1EMT B . -8.22 -1.55 9.23
H5 A1EMT B . -8.95 -2.20 7.96
H9 A1EMT B . -7.27 1.23 3.44
H11 A1EMT B . -6.04 0.66 7.23
H13 A1EMT B . -5.89 -3.75 7.34
H12 A1EMT B . -7.33 -3.74 6.66
H15 A1EMT B . -11.89 -2.26 5.32
H16 A1EMT B . -13.35 -2.45 7.12
H23 A1EMT B . -8.81 -5.21 3.20
H21 A1EMT B . -9.71 -6.09 2.23
H22 A1EMT B . -8.41 -6.72 2.89
#